data_4YQ5
#
_entry.id   4YQ5
#
_cell.length_a   94.554
_cell.length_b   94.554
_cell.length_c   178.787
_cell.angle_alpha   90.000
_cell.angle_beta   90.000
_cell.angle_gamma   120.000
#
_symmetry.space_group_name_H-M   'H 3 2'
#
loop_
_entity.id
_entity.type
_entity.pdbx_description
1 polymer 'tRNA (guanine-N(1)-)-methyltransferase'
2 non-polymer 6-{[3-(dimethylamino)benzyl]amino}pyridine-3-carboxamide
3 non-polymer 'CITRATE ANION'
4 water water
#
_entity_poly.entity_id   1
_entity_poly.type   'polypeptide(L)'
_entity_poly.pdbx_seq_one_letter_code
;GLVPRGSHMWIGVISLFPEMFKAITEFGVTGRAVKHNLLKVECWNPRDFTFDKHKTVDDRPYGGGPGMLMMVQPLRDAIH
TAKAAAGEGAKVIYLSPQGRKLDQGGVTELAQNQKLILVCGRYEGIDERLIQTEIDEEWSIGDYVLTGGELPAMTLIDAV
ARFIPGVLGKQASAEEDSFADGLLDCPHYTRPEVLEGLTVPPVLMSGHHEEIRKWRLKQSLQRTWLRRPELLEGLALTDE
QRKLLKEAQAEHNS
;
_entity_poly.pdbx_strand_id   A
#
# COMPACT_ATOMS: atom_id res chain seq x y z
N LEU A 2 26.10 4.92 6.32
CA LEU A 2 26.11 6.23 6.97
C LEU A 2 24.70 6.74 7.24
N VAL A 3 23.80 6.54 6.28
CA VAL A 3 22.39 6.87 6.48
C VAL A 3 21.83 5.98 7.58
N PRO A 4 21.29 6.60 8.65
CA PRO A 4 20.74 5.81 9.75
C PRO A 4 19.59 4.91 9.30
N ARG A 5 19.74 3.61 9.51
CA ARG A 5 18.65 2.68 9.21
C ARG A 5 18.08 2.12 10.51
N GLY A 6 18.45 0.90 10.86
CA GLY A 6 17.98 0.31 12.11
C GLY A 6 16.59 -0.27 11.97
N SER A 7 15.63 0.57 11.58
CA SER A 7 14.28 0.10 11.29
C SER A 7 14.14 -0.26 9.83
N HIS A 8 15.26 -0.70 9.24
CA HIS A 8 15.24 -1.13 7.84
C HIS A 8 14.30 -2.29 7.68
N MET A 9 13.80 -2.44 6.46
CA MET A 9 12.82 -3.47 6.15
C MET A 9 13.32 -4.34 5.02
N TRP A 10 13.10 -5.64 5.15
CA TRP A 10 13.43 -6.58 4.10
C TRP A 10 12.15 -7.16 3.54
N ILE A 11 12.01 -7.14 2.22
CA ILE A 11 10.83 -7.70 1.59
C ILE A 11 11.23 -8.68 0.50
N GLY A 12 10.90 -9.95 0.73
CA GLY A 12 11.05 -10.97 -0.28
C GLY A 12 9.81 -11.00 -1.13
N VAL A 13 9.99 -11.22 -2.43
CA VAL A 13 8.89 -11.25 -3.37
C VAL A 13 8.97 -12.52 -4.21
N ILE A 14 7.84 -13.18 -4.38
CA ILE A 14 7.76 -14.33 -5.28
C ILE A 14 6.94 -13.90 -6.46
N SER A 15 7.54 -13.85 -7.65
CA SER A 15 6.84 -13.33 -8.83
C SER A 15 7.39 -13.91 -10.12
N LEU A 16 6.48 -14.19 -11.06
CA LEU A 16 6.84 -14.58 -12.41
C LEU A 16 7.38 -13.42 -13.26
N PHE A 17 7.18 -12.20 -12.76
CA PHE A 17 7.65 -11.00 -13.46
C PHE A 17 8.43 -10.06 -12.54
N PRO A 18 9.59 -10.52 -12.06
CA PRO A 18 10.35 -9.72 -11.09
C PRO A 18 10.75 -8.35 -11.63
N GLU A 19 10.90 -8.23 -12.94
CA GLU A 19 11.32 -6.97 -13.52
C GLU A 19 10.27 -5.85 -13.31
N MET A 20 9.02 -6.22 -13.06
CA MET A 20 8.01 -5.20 -12.74
C MET A 20 8.42 -4.37 -11.52
N PHE A 21 9.15 -5.00 -10.61
CA PHE A 21 9.48 -4.35 -9.34
C PHE A 21 10.54 -3.25 -9.49
N LYS A 22 11.15 -3.16 -10.66
CA LYS A 22 12.00 -2.00 -10.96
C LYS A 22 11.22 -0.70 -10.81
N ALA A 23 9.90 -0.73 -11.02
CA ALA A 23 9.10 0.50 -10.94
C ALA A 23 9.19 1.09 -9.56
N ILE A 24 9.37 0.26 -8.54
CA ILE A 24 9.55 0.85 -7.21
C ILE A 24 11.02 0.86 -6.76
N THR A 25 11.86 -0.06 -7.22
CA THR A 25 13.23 -0.10 -6.69
C THR A 25 14.17 0.86 -7.41
N GLU A 26 13.76 1.36 -8.56
CA GLU A 26 14.66 2.23 -9.35
C GLU A 26 14.26 3.70 -9.40
N PHE A 27 13.10 4.06 -8.86
CA PHE A 27 12.59 5.42 -9.04
C PHE A 27 12.03 6.04 -7.78
N GLY A 28 12.19 7.36 -7.67
CA GLY A 28 11.48 8.12 -6.66
C GLY A 28 11.95 7.83 -5.24
N VAL A 29 11.04 8.07 -4.30
CA VAL A 29 11.28 7.89 -2.87
C VAL A 29 11.64 6.45 -2.51
N THR A 30 10.92 5.49 -3.08
CA THR A 30 11.19 4.06 -2.81
C THR A 30 12.54 3.67 -3.43
N GLY A 31 12.86 4.24 -4.59
CA GLY A 31 14.16 3.99 -5.22
C GLY A 31 15.28 4.49 -4.33
N ARG A 32 15.06 5.67 -3.74
CA ARG A 32 16.04 6.22 -2.79
C ARG A 32 16.17 5.34 -1.56
N ALA A 33 15.03 4.85 -1.06
CA ALA A 33 15.05 3.97 0.13
C ALA A 33 15.88 2.72 -0.14
N VAL A 34 15.76 2.18 -1.34
CA VAL A 34 16.53 0.99 -1.72
C VAL A 34 18.03 1.32 -1.82
N LYS A 35 18.35 2.41 -2.52
CA LYS A 35 19.74 2.84 -2.65
C LYS A 35 20.41 3.07 -1.27
N HIS A 36 19.64 3.57 -0.32
CA HIS A 36 20.16 3.92 1.01
C HIS A 36 20.10 2.76 2.02
N ASN A 37 19.69 1.60 1.55
CA ASN A 37 19.58 0.40 2.39
C ASN A 37 18.55 0.51 3.52
N LEU A 38 17.54 1.34 3.32
CA LEU A 38 16.44 1.41 4.29
C LEU A 38 15.44 0.33 3.95
N LEU A 39 15.40 -0.03 2.67
CA LEU A 39 14.48 -1.02 2.14
C LEU A 39 15.22 -1.99 1.23
N LYS A 40 15.05 -3.28 1.46
CA LYS A 40 15.60 -4.25 0.50
C LYS A 40 14.46 -5.07 -0.08
N VAL A 41 14.43 -5.19 -1.40
CA VAL A 41 13.44 -6.00 -2.08
C VAL A 41 14.18 -7.09 -2.84
N GLU A 42 13.88 -8.35 -2.52
CA GLU A 42 14.58 -9.48 -3.13
C GLU A 42 13.55 -10.37 -3.79
N CYS A 43 13.75 -10.71 -5.06
CA CYS A 43 12.75 -11.45 -5.83
C CYS A 43 13.22 -12.86 -6.18
N TRP A 44 12.29 -13.81 -6.10
CA TRP A 44 12.48 -15.17 -6.59
C TRP A 44 11.41 -15.46 -7.61
N ASN A 45 11.79 -16.07 -8.73
CA ASN A 45 10.88 -16.33 -9.83
C ASN A 45 10.59 -17.84 -9.90
N PRO A 46 9.32 -18.25 -9.74
CA PRO A 46 9.04 -19.69 -9.83
C PRO A 46 9.58 -20.33 -11.12
N ARG A 47 9.69 -19.57 -12.19
CA ARG A 47 10.21 -20.14 -13.43
C ARG A 47 11.61 -20.74 -13.23
N ASP A 48 12.38 -20.16 -12.31
CA ASP A 48 13.73 -20.67 -12.03
C ASP A 48 13.75 -21.95 -11.23
N PHE A 49 12.59 -22.35 -10.74
CA PHE A 49 12.48 -23.55 -9.91
C PHE A 49 11.81 -24.71 -10.66
N THR A 50 11.58 -24.51 -11.96
CA THR A 50 11.05 -25.57 -12.83
C THR A 50 12.15 -26.53 -13.27
N PHE A 51 11.75 -27.73 -13.70
CA PHE A 51 12.73 -28.70 -14.19
C PHE A 51 12.45 -29.20 -15.60
N ASP A 52 11.28 -28.85 -16.15
CA ASP A 52 10.95 -29.35 -17.49
C ASP A 52 11.52 -28.40 -18.53
N LYS A 53 11.62 -28.89 -19.77
CA LYS A 53 12.26 -28.16 -20.85
C LYS A 53 11.62 -26.80 -21.09
N HIS A 54 10.30 -26.75 -20.99
CA HIS A 54 9.60 -25.50 -21.29
C HIS A 54 9.31 -24.61 -20.08
N LYS A 55 9.88 -24.96 -18.93
CA LYS A 55 9.79 -24.12 -17.71
C LYS A 55 8.36 -23.79 -17.35
N THR A 56 7.55 -24.84 -17.21
CA THR A 56 6.11 -24.69 -17.04
C THR A 56 5.76 -24.20 -15.64
N VAL A 57 4.98 -23.12 -15.57
CA VAL A 57 4.65 -22.54 -14.27
C VAL A 57 3.16 -22.45 -13.98
N ASP A 58 2.33 -22.97 -14.89
CA ASP A 58 0.88 -23.02 -14.66
C ASP A 58 0.40 -24.46 -14.71
N ASP A 59 -0.82 -24.70 -14.25
CA ASP A 59 -1.36 -26.06 -14.19
C ASP A 59 -2.88 -25.99 -14.20
N ARG A 60 -3.52 -27.09 -14.60
CA ARG A 60 -4.98 -27.10 -14.75
C ARG A 60 -5.69 -27.31 -13.42
N PRO A 61 -6.82 -26.61 -13.24
CA PRO A 61 -7.58 -26.81 -12.00
C PRO A 61 -8.34 -28.11 -12.00
N TYR A 62 -8.30 -28.85 -10.90
CA TYR A 62 -9.22 -29.97 -10.72
C TYR A 62 -10.66 -29.45 -10.84
N GLY A 63 -11.49 -30.21 -11.55
CA GLY A 63 -12.89 -29.86 -11.71
C GLY A 63 -13.16 -29.01 -12.94
N GLY A 64 -12.11 -28.67 -13.67
CA GLY A 64 -12.27 -27.94 -14.92
C GLY A 64 -12.51 -26.46 -14.75
N GLY A 65 -12.84 -25.79 -15.86
CA GLY A 65 -13.01 -24.36 -15.85
C GLY A 65 -12.12 -23.72 -16.91
N PRO A 66 -12.33 -22.44 -17.19
CA PRO A 66 -11.61 -21.71 -18.23
C PRO A 66 -10.18 -21.32 -17.84
N GLY A 67 -9.90 -21.28 -16.55
CA GLY A 67 -8.65 -20.72 -16.07
C GLY A 67 -7.57 -21.73 -15.73
N MET A 68 -6.38 -21.23 -15.46
CA MET A 68 -5.28 -22.04 -14.95
C MET A 68 -4.94 -21.57 -13.55
N LEU A 69 -4.14 -22.35 -12.85
CA LEU A 69 -3.57 -21.94 -11.57
C LEU A 69 -2.06 -21.94 -11.68
N MET A 70 -1.39 -21.27 -10.75
CA MET A 70 0.05 -21.45 -10.70
CA MET A 70 0.04 -21.43 -10.57
C MET A 70 0.36 -22.90 -10.32
N MET A 71 1.37 -23.43 -10.99
CA MET A 71 1.80 -24.80 -10.73
C MET A 71 2.37 -24.88 -9.32
N VAL A 72 1.99 -25.92 -8.58
CA VAL A 72 2.36 -26.00 -7.17
C VAL A 72 3.87 -26.13 -6.94
N GLN A 73 4.53 -27.08 -7.61
CA GLN A 73 5.92 -27.39 -7.23
C GLN A 73 6.91 -26.21 -7.40
N PRO A 74 6.87 -25.51 -8.56
CA PRO A 74 7.83 -24.40 -8.67
C PRO A 74 7.53 -23.25 -7.71
N LEU A 75 6.25 -22.97 -7.50
CA LEU A 75 5.84 -21.92 -6.58
C LEU A 75 6.22 -22.26 -5.14
N ARG A 76 5.91 -23.50 -4.74
CA ARG A 76 6.24 -23.96 -3.39
C ARG A 76 7.73 -23.90 -3.14
N ASP A 77 8.53 -24.37 -4.12
CA ASP A 77 9.99 -24.34 -3.94
C ASP A 77 10.51 -22.89 -3.87
N ALA A 78 9.92 -21.99 -4.65
CA ALA A 78 10.35 -20.58 -4.60
C ALA A 78 10.03 -19.97 -3.22
N ILE A 79 8.84 -20.25 -2.72
CA ILE A 79 8.46 -19.79 -1.38
C ILE A 79 9.42 -20.32 -0.31
N HIS A 80 9.72 -21.62 -0.34
CA HIS A 80 10.63 -22.18 0.64
C HIS A 80 12.01 -21.53 0.59
N THR A 81 12.47 -21.20 -0.61
CA THR A 81 13.77 -20.55 -0.77
C THR A 81 13.77 -19.15 -0.19
N ALA A 82 12.69 -18.41 -0.43
CA ALA A 82 12.54 -17.08 0.17
C ALA A 82 12.52 -17.16 1.70
N LYS A 83 11.78 -18.13 2.23
CA LYS A 83 11.71 -18.31 3.68
C LYS A 83 13.08 -18.60 4.26
N ALA A 84 13.85 -19.45 3.56
CA ALA A 84 15.19 -19.79 4.03
C ALA A 84 16.09 -18.56 4.05
N ALA A 85 15.97 -17.71 3.04
CA ALA A 85 16.74 -16.47 2.97
C ALA A 85 16.32 -15.49 4.07
N ALA A 86 15.05 -15.50 4.41
CA ALA A 86 14.51 -14.53 5.36
C ALA A 86 14.91 -14.87 6.79
N GLY A 87 15.04 -16.15 7.08
CA GLY A 87 15.31 -16.61 8.42
C GLY A 87 14.07 -16.46 9.28
N GLU A 88 14.27 -16.36 10.59
CA GLU A 88 13.17 -16.32 11.54
C GLU A 88 12.39 -15.01 11.49
N GLY A 89 11.07 -15.11 11.66
CA GLY A 89 10.23 -13.96 11.88
C GLY A 89 9.66 -13.26 10.66
N ALA A 90 9.74 -13.89 9.50
CA ALA A 90 9.18 -13.29 8.30
C ALA A 90 7.73 -13.69 8.12
N LYS A 91 6.86 -12.71 7.93
CA LYS A 91 5.45 -12.99 7.69
C LYS A 91 5.21 -13.13 6.20
N VAL A 92 4.54 -14.21 5.81
CA VAL A 92 4.27 -14.48 4.40
C VAL A 92 2.86 -14.01 4.03
N ILE A 93 2.80 -13.10 3.05
CA ILE A 93 1.57 -12.42 2.65
C ILE A 93 1.18 -12.84 1.24
N TYR A 94 -0.08 -13.20 1.04
CA TYR A 94 -0.59 -13.49 -0.30
C TYR A 94 -1.57 -12.39 -0.70
N LEU A 95 -1.34 -11.77 -1.85
CA LEU A 95 -2.23 -10.72 -2.32
C LEU A 95 -3.34 -11.32 -3.20
N SER A 96 -4.60 -11.07 -2.84
CA SER A 96 -5.72 -11.56 -3.64
C SER A 96 -6.94 -10.70 -3.41
N PRO A 97 -7.92 -10.76 -4.34
CA PRO A 97 -9.17 -10.04 -4.10
C PRO A 97 -9.99 -10.64 -2.95
N GLN A 98 -9.60 -11.82 -2.44
CA GLN A 98 -10.33 -12.49 -1.35
C GLN A 98 -9.73 -12.20 0.02
N GLY A 99 -8.75 -11.30 0.06
CA GLY A 99 -8.04 -11.06 1.30
C GLY A 99 -8.61 -9.94 2.14
N ARG A 100 -8.01 -9.73 3.30
CA ARG A 100 -8.36 -8.61 4.17
C ARG A 100 -8.08 -7.30 3.45
N LYS A 101 -9.05 -6.40 3.46
CA LYS A 101 -8.92 -5.16 2.71
C LYS A 101 -7.92 -4.21 3.35
N LEU A 102 -6.91 -3.83 2.58
CA LEU A 102 -5.89 -2.91 3.06
C LEU A 102 -6.44 -1.49 3.26
N ASP A 103 -6.13 -0.89 4.41
CA ASP A 103 -6.33 0.53 4.62
C ASP A 103 -5.11 1.04 5.41
N GLN A 104 -5.08 2.32 5.74
CA GLN A 104 -3.86 2.89 6.31
C GLN A 104 -3.53 2.27 7.66
N GLY A 105 -4.57 1.92 8.42
CA GLY A 105 -4.36 1.23 9.68
C GLY A 105 -3.68 -0.11 9.45
N GLY A 106 -4.13 -0.83 8.42
CA GLY A 106 -3.56 -2.12 8.12
C GLY A 106 -2.14 -1.97 7.61
N VAL A 107 -1.87 -0.88 6.90
CA VAL A 107 -0.51 -0.60 6.43
C VAL A 107 0.43 -0.44 7.64
N THR A 108 -0.01 0.33 8.63
CA THR A 108 0.82 0.56 9.82
C THR A 108 1.03 -0.74 10.60
N GLU A 109 0.04 -1.63 10.58
CA GLU A 109 0.20 -2.95 11.20
C GLU A 109 1.24 -3.78 10.46
N LEU A 110 1.15 -3.81 9.13
CA LEU A 110 2.09 -4.59 8.33
C LEU A 110 3.49 -4.03 8.45
N ALA A 111 3.58 -2.71 8.62
CA ALA A 111 4.87 -2.02 8.72
C ALA A 111 5.64 -2.37 10.00
N GLN A 112 4.96 -2.99 10.96
CA GLN A 112 5.62 -3.40 12.20
C GLN A 112 6.53 -4.60 11.99
N ASN A 113 6.36 -5.27 10.86
CA ASN A 113 7.21 -6.41 10.51
C ASN A 113 8.53 -5.94 9.93
N GLN A 114 9.63 -6.50 10.42
CA GLN A 114 10.93 -6.19 9.85
C GLN A 114 11.17 -7.01 8.57
N LYS A 115 10.50 -8.15 8.45
CA LYS A 115 10.62 -9.00 7.27
C LYS A 115 9.24 -9.44 6.75
N LEU A 116 9.03 -9.25 5.46
CA LEU A 116 7.83 -9.72 4.80
C LEU A 116 8.20 -10.55 3.58
N ILE A 117 7.39 -11.55 3.28
CA ILE A 117 7.48 -12.22 1.99
C ILE A 117 6.15 -12.09 1.28
N LEU A 118 6.17 -11.54 0.06
CA LEU A 118 4.94 -11.30 -0.68
C LEU A 118 4.83 -12.26 -1.84
N VAL A 119 3.74 -13.01 -1.87
CA VAL A 119 3.53 -14.00 -2.92
C VAL A 119 2.58 -13.43 -3.96
N CYS A 120 3.04 -13.32 -5.21
CA CYS A 120 2.26 -12.73 -6.29
C CYS A 120 1.65 -13.79 -7.16
N GLY A 121 0.34 -13.93 -7.08
CA GLY A 121 -0.37 -14.91 -7.89
C GLY A 121 -0.62 -14.36 -9.29
N ARG A 122 -0.59 -15.25 -10.29
CA ARG A 122 -1.05 -14.94 -11.63
C ARG A 122 -2.11 -15.97 -12.01
N TYR A 123 -2.64 -15.90 -13.22
CA TYR A 123 -3.71 -16.82 -13.65
C TYR A 123 -4.89 -16.71 -12.68
N GLU A 124 -5.48 -17.83 -12.29
CA GLU A 124 -6.60 -17.77 -11.34
C GLU A 124 -6.15 -17.99 -9.90
N GLY A 125 -4.85 -17.79 -9.66
CA GLY A 125 -4.33 -17.78 -8.31
C GLY A 125 -3.56 -19.03 -7.97
N ILE A 126 -3.52 -19.36 -6.68
CA ILE A 126 -2.73 -20.50 -6.23
C ILE A 126 -3.61 -21.52 -5.53
N ASP A 127 -3.09 -22.75 -5.47
CA ASP A 127 -3.78 -23.86 -4.82
C ASP A 127 -4.16 -23.49 -3.38
N GLU A 128 -5.41 -23.74 -3.02
CA GLU A 128 -5.90 -23.41 -1.69
C GLU A 128 -5.05 -24.05 -0.59
N ARG A 129 -4.51 -25.24 -0.84
CA ARG A 129 -3.72 -25.92 0.18
C ARG A 129 -2.37 -25.23 0.43
N LEU A 130 -1.83 -24.54 -0.58
CA LEU A 130 -0.65 -23.69 -0.37
C LEU A 130 -0.95 -22.49 0.50
N ILE A 131 -2.16 -21.96 0.38
CA ILE A 131 -2.55 -20.86 1.24
C ILE A 131 -2.60 -21.39 2.68
N GLN A 132 -3.16 -22.58 2.85
CA GLN A 132 -3.23 -23.16 4.17
C GLN A 132 -1.86 -23.47 4.75
N THR A 133 -0.93 -23.94 3.91
CA THR A 133 0.33 -24.46 4.45
C THR A 133 1.49 -23.45 4.41
N GLU A 134 1.40 -22.44 3.55
CA GLU A 134 2.55 -21.55 3.35
C GLU A 134 2.28 -20.09 3.68
N ILE A 135 1.00 -19.71 3.66
CA ILE A 135 0.66 -18.29 3.73
C ILE A 135 0.18 -17.92 5.13
N ASP A 136 0.69 -16.82 5.68
CA ASP A 136 0.28 -16.39 7.00
C ASP A 136 -0.98 -15.53 6.96
N GLU A 137 -1.00 -14.58 6.03
CA GLU A 137 -2.10 -13.62 5.90
C GLU A 137 -2.42 -13.35 4.46
N GLU A 138 -3.72 -13.26 4.15
CA GLU A 138 -4.16 -12.92 2.80
C GLU A 138 -4.75 -11.51 2.82
N TRP A 139 -4.25 -10.64 1.95
CA TRP A 139 -4.65 -9.23 1.90
C TRP A 139 -5.08 -8.81 0.52
N SER A 140 -6.03 -7.88 0.45
CA SER A 140 -6.46 -7.27 -0.81
C SER A 140 -6.15 -5.78 -0.80
N ILE A 141 -5.78 -5.19 -1.94
CA ILE A 141 -5.59 -3.74 -1.96
C ILE A 141 -6.87 -2.98 -2.31
N GLY A 142 -7.92 -3.72 -2.63
CA GLY A 142 -9.19 -3.10 -2.97
C GLY A 142 -10.10 -4.07 -3.68
N ASP A 143 -11.38 -3.72 -3.77
CA ASP A 143 -12.37 -4.61 -4.36
C ASP A 143 -12.40 -4.53 -5.87
N TYR A 144 -11.31 -4.98 -6.49
CA TYR A 144 -11.21 -5.06 -7.94
C TYR A 144 -10.23 -6.15 -8.29
N VAL A 145 -10.28 -6.59 -9.54
CA VAL A 145 -9.47 -7.71 -10.00
C VAL A 145 -8.42 -7.24 -10.98
N LEU A 146 -7.19 -7.68 -10.77
CA LEU A 146 -6.07 -7.30 -11.62
C LEU A 146 -5.51 -8.54 -12.27
N THR A 147 -4.59 -8.36 -13.21
CA THR A 147 -4.03 -9.51 -13.94
C THR A 147 -2.96 -10.25 -13.16
N GLY A 148 -2.54 -9.70 -12.02
CA GLY A 148 -1.56 -10.40 -11.20
C GLY A 148 -1.44 -9.73 -9.85
N GLY A 149 -0.77 -10.40 -8.91
CA GLY A 149 -0.56 -9.80 -7.60
C GLY A 149 0.62 -8.84 -7.51
N GLU A 150 1.30 -8.60 -8.63
CA GLU A 150 2.50 -7.74 -8.63
C GLU A 150 2.18 -6.28 -8.29
N LEU A 151 1.18 -5.70 -8.95
CA LEU A 151 0.84 -4.31 -8.63
C LEU A 151 0.34 -4.19 -7.19
N PRO A 152 -0.50 -5.13 -6.73
CA PRO A 152 -0.83 -5.07 -5.30
C PRO A 152 0.40 -5.19 -4.38
N ALA A 153 1.34 -6.08 -4.71
CA ALA A 153 2.53 -6.21 -3.89
C ALA A 153 3.32 -4.90 -3.89
N MET A 154 3.44 -4.29 -5.06
CA MET A 154 4.20 -3.06 -5.15
C MET A 154 3.52 -1.93 -4.39
N THR A 155 2.19 -1.92 -4.45
CA THR A 155 1.40 -0.93 -3.72
C THR A 155 1.62 -1.10 -2.22
N LEU A 156 1.62 -2.35 -1.74
CA LEU A 156 1.87 -2.61 -0.32
CA LEU A 156 1.86 -2.59 -0.33
C LEU A 156 3.27 -2.14 0.07
N ILE A 157 4.27 -2.47 -0.75
CA ILE A 157 5.64 -2.09 -0.44
C ILE A 157 5.77 -0.57 -0.31
N ASP A 158 5.22 0.14 -1.28
CA ASP A 158 5.28 1.60 -1.28
C ASP A 158 4.62 2.15 -0.01
N ALA A 159 3.45 1.61 0.32
CA ALA A 159 2.70 2.13 1.47
C ALA A 159 3.46 1.92 2.77
N VAL A 160 4.03 0.73 2.93
CA VAL A 160 4.75 0.45 4.18
CA VAL A 160 4.76 0.40 4.14
C VAL A 160 6.10 1.15 4.22
N ALA A 161 6.73 1.35 3.06
CA ALA A 161 8.00 2.06 3.00
C ALA A 161 7.92 3.47 3.59
N ARG A 162 6.76 4.11 3.44
CA ARG A 162 6.61 5.47 3.97
C ARG A 162 6.74 5.54 5.50
N PHE A 163 6.55 4.40 6.17
CA PHE A 163 6.67 4.35 7.63
C PHE A 163 8.05 3.94 8.12
N ILE A 164 8.94 3.62 7.20
CA ILE A 164 10.32 3.36 7.58
C ILE A 164 11.01 4.68 7.87
N PRO A 165 11.54 4.84 9.09
CA PRO A 165 12.18 6.12 9.43
C PRO A 165 13.31 6.44 8.44
N GLY A 166 13.34 7.68 7.96
CA GLY A 166 14.38 8.09 7.04
C GLY A 166 13.93 8.10 5.58
N VAL A 167 12.90 7.34 5.27
CA VAL A 167 12.44 7.24 3.89
C VAL A 167 11.80 8.54 3.41
N LEU A 168 10.96 9.13 4.25
CA LEU A 168 10.35 10.40 3.90
C LEU A 168 11.26 11.55 4.29
N GLY A 169 11.22 12.63 3.51
N SER A 178 -5.87 14.99 7.23
CA SER A 178 -4.46 14.90 6.85
C SER A 178 -3.96 13.47 7.01
N PHE A 179 -4.89 12.52 6.89
CA PHE A 179 -4.63 11.07 6.94
C PHE A 179 -4.22 10.60 8.33
N ALA A 180 -3.22 11.24 8.91
CA ALA A 180 -2.75 10.90 10.25
C ALA A 180 -3.89 10.98 11.27
N ASP A 181 -4.85 11.87 11.03
CA ASP A 181 -5.97 12.01 11.95
C ASP A 181 -7.25 11.34 11.44
N GLY A 182 -7.14 10.59 10.34
CA GLY A 182 -8.28 9.83 9.84
C GLY A 182 -9.17 10.65 8.91
N LEU A 183 -8.72 11.86 8.60
CA LEU A 183 -9.48 12.74 7.72
C LEU A 183 -8.85 12.84 6.33
N LEU A 184 -9.66 13.26 5.35
CA LEU A 184 -9.11 13.60 4.05
C LEU A 184 -8.28 14.87 4.19
N ASP A 185 -7.36 15.09 3.27
CA ASP A 185 -6.50 16.26 3.33
C ASP A 185 -7.22 17.53 2.85
N CYS A 186 -6.73 18.69 3.25
CA CYS A 186 -7.27 19.97 2.79
C CYS A 186 -6.77 20.29 1.37
N PRO A 187 -7.42 21.25 0.68
CA PRO A 187 -6.84 21.69 -0.58
C PRO A 187 -5.53 22.44 -0.36
N HIS A 188 -4.62 22.34 -1.34
CA HIS A 188 -3.36 23.07 -1.29
C HIS A 188 -3.21 23.94 -2.52
N TYR A 189 -2.42 25.00 -2.39
CA TYR A 189 -2.22 25.96 -3.47
C TYR A 189 -0.77 26.32 -3.57
N THR A 190 -0.31 26.59 -4.79
CA THR A 190 1.03 27.12 -5.00
C THR A 190 0.95 28.18 -6.09
N ARG A 191 2.09 28.73 -6.52
CA ARG A 191 2.10 29.77 -7.54
C ARG A 191 1.38 29.30 -8.80
N PRO A 192 0.69 30.20 -9.50
CA PRO A 192 0.60 31.64 -9.27
C PRO A 192 -0.55 32.03 -8.34
N GLU A 193 -0.55 33.28 -7.90
CA GLU A 193 -1.57 33.77 -6.99
C GLU A 193 -2.97 33.69 -7.63
N VAL A 194 -3.04 33.86 -8.94
CA VAL A 194 -4.29 33.73 -9.68
C VAL A 194 -4.13 32.76 -10.84
N LEU A 195 -5.03 31.77 -10.92
CA LEU A 195 -4.95 30.73 -11.94
CA LEU A 195 -4.95 30.77 -11.97
C LEU A 195 -6.31 30.57 -12.63
N GLU A 196 -6.39 30.94 -13.90
CA GLU A 196 -7.64 30.97 -14.65
C GLU A 196 -8.75 31.67 -13.84
N GLY A 197 -8.42 32.82 -13.28
CA GLY A 197 -9.39 33.61 -12.55
C GLY A 197 -9.64 33.16 -11.12
N LEU A 198 -9.09 32.02 -10.75
CA LEU A 198 -9.25 31.46 -9.40
C LEU A 198 -8.11 31.92 -8.49
N THR A 199 -8.46 32.52 -7.36
CA THR A 199 -7.46 33.07 -6.46
C THR A 199 -7.15 32.13 -5.30
N VAL A 200 -6.01 32.36 -4.64
CA VAL A 200 -5.66 31.61 -3.43
C VAL A 200 -6.44 32.19 -2.24
N PRO A 201 -7.02 31.31 -1.39
CA PRO A 201 -7.65 31.80 -0.16
C PRO A 201 -6.73 32.76 0.61
N PRO A 202 -7.19 33.99 0.85
CA PRO A 202 -6.41 35.03 1.52
C PRO A 202 -5.73 34.58 2.82
N VAL A 203 -6.37 33.67 3.56
CA VAL A 203 -5.80 33.24 4.83
C VAL A 203 -4.43 32.58 4.64
N LEU A 204 -4.25 31.86 3.53
CA LEU A 204 -3.00 31.17 3.26
C LEU A 204 -1.85 32.13 2.98
N MET A 205 -2.16 33.37 2.64
CA MET A 205 -1.09 34.33 2.36
C MET A 205 -1.02 35.40 3.46
N SER A 206 -1.65 35.08 4.60
CA SER A 206 -1.72 36.01 5.73
C SER A 206 -0.54 35.89 6.70
N GLY A 207 0.16 34.77 6.63
CA GLY A 207 1.26 34.50 7.54
C GLY A 207 0.82 34.23 8.97
N HIS A 208 -0.49 34.08 9.18
CA HIS A 208 -1.00 33.79 10.51
C HIS A 208 -1.14 32.29 10.72
N HIS A 209 -0.11 31.69 11.32
CA HIS A 209 0.02 30.24 11.38
C HIS A 209 -1.17 29.54 12.06
N GLU A 210 -1.69 30.13 13.12
CA GLU A 210 -2.82 29.51 13.82
C GLU A 210 -4.09 29.58 12.97
N GLU A 211 -4.33 30.72 12.33
CA GLU A 211 -5.49 30.86 11.47
C GLU A 211 -5.39 29.89 10.29
N ILE A 212 -4.19 29.73 9.75
CA ILE A 212 -3.97 28.80 8.64
C ILE A 212 -4.20 27.35 9.06
N ARG A 213 -3.69 26.97 10.24
CA ARG A 213 -3.91 25.61 10.76
C ARG A 213 -5.40 25.30 10.89
N LYS A 214 -6.14 26.22 11.51
CA LYS A 214 -7.57 26.02 11.73
C LYS A 214 -8.33 25.97 10.40
N TRP A 215 -7.96 26.81 9.45
CA TRP A 215 -8.61 26.78 8.13
C TRP A 215 -8.41 25.43 7.45
N ARG A 216 -7.16 24.95 7.47
CA ARG A 216 -6.85 23.66 6.86
C ARG A 216 -7.61 22.53 7.54
N LEU A 217 -7.69 22.57 8.86
CA LEU A 217 -8.40 21.53 9.61
C LEU A 217 -9.89 21.57 9.28
N LYS A 218 -10.45 22.77 9.27
CA LYS A 218 -11.84 22.95 8.88
C LYS A 218 -12.12 22.42 7.47
N GLN A 219 -11.23 22.72 6.53
CA GLN A 219 -11.38 22.21 5.16
C GLN A 219 -11.30 20.68 5.10
N SER A 220 -10.38 20.10 5.86
CA SER A 220 -10.26 18.64 5.93
CA SER A 220 -10.25 18.65 5.97
C SER A 220 -11.56 18.02 6.47
N LEU A 221 -12.10 18.60 7.53
CA LEU A 221 -13.36 18.12 8.08
C LEU A 221 -14.50 18.24 7.08
N GLN A 222 -14.59 19.40 6.42
CA GLN A 222 -15.63 19.62 5.44
C GLN A 222 -15.50 18.64 4.27
N ARG A 223 -14.28 18.47 3.76
CA ARG A 223 -14.03 17.54 2.66
CA ARG A 223 -14.03 17.54 2.66
C ARG A 223 -14.39 16.10 3.03
N THR A 224 -14.03 15.69 4.23
CA THR A 224 -14.32 14.34 4.65
C THR A 224 -15.83 14.15 4.75
N TRP A 225 -16.51 15.14 5.34
CA TRP A 225 -17.97 15.09 5.48
C TRP A 225 -18.68 15.00 4.13
N LEU A 226 -18.23 15.79 3.16
CA LEU A 226 -18.89 15.83 1.85
C LEU A 226 -18.58 14.61 0.98
N ARG A 227 -17.36 14.10 1.06
CA ARG A 227 -16.91 13.03 0.16
C ARG A 227 -16.95 11.63 0.77
N ARG A 228 -16.65 11.54 2.06
CA ARG A 228 -16.53 10.27 2.74
C ARG A 228 -17.12 10.32 4.14
N PRO A 229 -18.41 10.64 4.26
CA PRO A 229 -19.00 10.86 5.58
C PRO A 229 -18.86 9.65 6.51
N GLU A 230 -18.83 8.44 5.95
CA GLU A 230 -18.66 7.25 6.79
C GLU A 230 -17.34 7.26 7.55
N LEU A 231 -16.33 7.94 7.03
CA LEU A 231 -15.04 8.01 7.70
C LEU A 231 -15.16 8.78 9.02
N LEU A 232 -16.07 9.73 9.05
CA LEU A 232 -16.33 10.52 10.26
C LEU A 232 -16.93 9.70 11.37
N GLU A 233 -17.75 8.73 11.01
CA GLU A 233 -18.41 7.89 11.99
C GLU A 233 -17.40 7.05 12.77
N GLY A 234 -16.26 6.79 12.15
CA GLY A 234 -15.23 5.97 12.77
C GLY A 234 -14.34 6.75 13.71
N LEU A 235 -14.62 8.04 13.85
CA LEU A 235 -13.74 8.93 14.61
C LEU A 235 -14.40 9.48 15.87
N ALA A 236 -13.56 9.71 16.87
CA ALA A 236 -13.94 10.46 18.06
C ALA A 236 -13.32 11.85 17.90
N LEU A 237 -14.12 12.79 17.38
CA LEU A 237 -13.60 14.11 17.07
C LEU A 237 -13.21 14.86 18.33
N THR A 238 -12.13 15.63 18.24
CA THR A 238 -11.74 16.52 19.33
C THR A 238 -12.76 17.65 19.45
N ASP A 239 -12.71 18.33 20.57
CA ASP A 239 -13.52 19.52 20.80
C ASP A 239 -13.39 20.51 19.63
N GLU A 240 -12.15 20.80 19.26
CA GLU A 240 -11.88 21.73 18.17
C GLU A 240 -12.47 21.22 16.84
N GLN A 241 -12.29 19.93 16.57
CA GLN A 241 -12.80 19.35 15.32
C GLN A 241 -14.33 19.39 15.27
N ARG A 242 -14.98 19.13 16.40
CA ARG A 242 -16.44 19.19 16.47
C ARG A 242 -16.93 20.59 16.13
N LYS A 243 -16.25 21.59 16.68
CA LYS A 243 -16.59 22.99 16.45
C LYS A 243 -16.42 23.39 14.99
N LEU A 244 -15.25 23.09 14.43
CA LEU A 244 -14.96 23.48 13.05
C LEU A 244 -15.86 22.73 12.07
N LEU A 245 -16.16 21.46 12.34
CA LEU A 245 -17.07 20.71 11.48
C LEU A 245 -18.48 21.30 11.53
N LYS A 246 -18.96 21.66 12.72
CA LYS A 246 -20.25 22.32 12.85
C LYS A 246 -20.28 23.61 12.04
N GLU A 247 -19.20 24.40 12.14
CA GLU A 247 -19.12 25.65 11.39
C GLU A 247 -19.20 25.41 9.89
N ALA A 248 -18.46 24.42 9.40
CA ALA A 248 -18.44 24.10 7.98
C ALA A 248 -19.81 23.65 7.47
N GLN A 249 -20.49 22.85 8.28
CA GLN A 249 -21.80 22.35 7.92
C GLN A 249 -22.82 23.48 7.90
N ALA A 250 -22.71 24.40 8.87
CA ALA A 250 -23.60 25.56 8.92
C ALA A 250 -23.43 26.44 7.69
N GLU A 251 -22.19 26.60 7.23
CA GLU A 251 -21.91 27.43 6.07
C GLU A 251 -22.39 26.79 4.78
N HIS A 252 -22.43 25.46 4.77
CA HIS A 252 -22.92 24.70 3.62
C HIS A 252 -24.43 24.85 3.48
N ASN A 253 -25.14 24.87 4.61
CA ASN A 253 -26.59 25.03 4.64
C ASN A 253 -27.01 26.50 4.65
N SER A 254 -26.08 27.37 4.27
CA SER A 254 -26.28 28.81 4.38
C SER A 254 -26.04 29.52 3.06
#